data_6BOE
#
_entry.id   6BOE
#
_cell.length_a   134.483
_cell.length_b   134.483
_cell.length_c   85.499
_cell.angle_alpha   90.000
_cell.angle_beta   90.000
_cell.angle_gamma   120.000
#
_symmetry.space_group_name_H-M   'P 32 2 1'
#
loop_
_entity.id
_entity.type
_entity.pdbx_description
1 polymer 'Serine/threonine-protein kinase TBK1'
2 non-polymer 2-amino-5-oxo-7-(propan-2-yl)-N-(1H-tetrazol-5-yl)-5H-[1]benzopyrano[2,3-b]pyridine-3-carboxamide
#
_entity_poly.entity_id   1
_entity_poly.type   'polypeptide(L)'
_entity_poly.pdbx_seq_one_letter_code
;SNAMQSTSNHLWLLSDILGQGATANVFRGRHKKTGDLFAIKVFNNISFLRPVDVQMREFEVLKKLNHKNIVKLFAIEEET
TTRHKVLIMEFCPCGSLYTVLEEPSNAYGLPESEFLIVLRDVVGGMNHLRENGIVHRDIKPGNIMRVIGEDGQSVYKLTD
FGAARELEDDEQFVSLYGTEEYLHPDMYERAVLRKDHQKKYGATVDLWSIGVTFYHAATGSLPFRPFEGPRRNKEVMYKI
ITGKPSGAISGVQKAENGPIDWSGDMPVSCSLSRGLQVLLTPVLANILEADQEKCWGFDQFFAETSDILHRMVIHVFSLQ
QMTAHKIYIHSYNTATIFHELVYKQTKIISSNQELIYEGRRLVLEPGRLAQHFPKTTEENPIFVVSREPLNTIGLIYEKI
SLPKVHPRYDLDGDASMAKAITGVVCYACRIASTLLLYQELMRKGIRWLIELIKDDYNETVHKKTEVVITLDFCIRNIEK
TVKVYEKLMKINLEAAELGEISDIHTKLLRLSSSQGTIETSLQDIDSRLSPGGSLADAWAHQEGTHPKDRNVEKLQVLLN
CMTEIYYQFKKDKAERRLAYNEEQIHKFDKQKLYYHATKAMTHFTDECVKKYEAFLNKSEEWIRKMLHLRKQLLSLTNQC
FDIEEEVSKYQEYTNELQET
;
_entity_poly.pdbx_strand_id   A
#
loop_
_chem_comp.id
_chem_comp.type
_chem_comp.name
_chem_comp.formula
E0S non-polymer 2-amino-5-oxo-7-(propan-2-yl)-N-(1H-tetrazol-5-yl)-5H-[1]benzopyrano[2,3-b]pyridine-3-carboxamide 'C17 H15 N7 O3'
#
# COMPACT_ATOMS: atom_id res chain seq x y z
N ALA A 3 -13.38 -29.69 37.93
CA ALA A 3 -14.60 -29.98 37.19
C ALA A 3 -14.44 -29.67 35.71
N MET A 4 -14.58 -30.68 34.87
CA MET A 4 -14.41 -30.52 33.43
C MET A 4 -15.06 -31.71 32.73
N GLN A 5 -15.22 -31.60 31.42
CA GLN A 5 -15.90 -32.62 30.65
C GLN A 5 -14.90 -33.45 29.85
N SER A 6 -15.25 -34.72 29.64
CA SER A 6 -14.34 -35.68 29.03
C SER A 6 -15.08 -36.52 28.00
N THR A 7 -14.30 -37.25 27.20
CA THR A 7 -14.82 -38.17 26.20
C THR A 7 -13.89 -39.38 26.19
N SER A 8 -14.09 -40.28 25.22
CA SER A 8 -13.25 -41.46 25.11
C SER A 8 -11.83 -41.11 24.68
N ASN A 9 -11.68 -40.06 23.87
CA ASN A 9 -10.36 -39.68 23.35
C ASN A 9 -9.95 -38.26 23.68
N HIS A 10 -10.86 -37.39 24.12
CA HIS A 10 -10.54 -35.99 24.35
C HIS A 10 -11.11 -35.55 25.69
N LEU A 11 -10.62 -34.41 26.17
CA LEU A 11 -11.13 -33.80 27.40
C LEU A 11 -10.90 -32.30 27.34
N TRP A 12 -11.71 -31.56 28.11
CA TRP A 12 -11.63 -30.11 28.08
C TRP A 12 -12.18 -29.54 29.37
N LEU A 13 -11.57 -28.44 29.81
CA LEU A 13 -12.03 -27.67 30.95
C LEU A 13 -13.06 -26.65 30.49
N LEU A 14 -13.97 -26.30 31.40
CA LEU A 14 -14.98 -25.29 31.08
C LEU A 14 -14.45 -23.87 31.20
N SER A 15 -13.31 -23.68 31.88
CA SER A 15 -12.72 -22.35 31.96
C SER A 15 -12.10 -21.94 30.63
N ASP A 16 -11.44 -22.88 29.95
CA ASP A 16 -10.84 -22.63 28.64
C ASP A 16 -11.93 -22.69 27.57
N ILE A 17 -12.82 -21.70 27.61
CA ILE A 17 -13.92 -21.58 26.66
C ILE A 17 -13.48 -20.69 25.50
N LEU A 18 -13.80 -21.10 24.28
CA LEU A 18 -13.39 -20.34 23.11
C LEU A 18 -14.54 -19.49 22.58
N GLY A 19 -15.47 -20.11 21.87
CA GLY A 19 -16.61 -19.41 21.28
C GLY A 19 -17.90 -19.86 21.93
N GLN A 20 -18.76 -18.90 22.24
CA GLN A 20 -20.05 -19.19 22.85
C GLN A 20 -21.20 -18.79 21.92
N ASN A 25 -21.40 -24.84 22.46
CA ASN A 25 -20.20 -24.06 22.73
C ASN A 25 -18.96 -24.84 22.33
N VAL A 26 -17.85 -24.13 22.13
CA VAL A 26 -16.59 -24.72 21.69
C VAL A 26 -15.54 -24.48 22.76
N PHE A 27 -14.98 -25.57 23.29
CA PHE A 27 -13.95 -25.52 24.30
C PHE A 27 -12.61 -25.94 23.72
N ARG A 28 -11.55 -25.35 24.27
CA ARG A 28 -10.17 -25.70 23.93
C ARG A 28 -9.80 -26.98 24.68
N GLY A 29 -9.74 -28.10 23.95
CA GLY A 29 -9.53 -29.40 24.56
C GLY A 29 -8.22 -30.03 24.13
N ARG A 30 -7.98 -31.22 24.68
CA ARG A 30 -6.79 -32.01 24.37
C ARG A 30 -7.19 -33.46 24.14
N HIS A 31 -6.27 -34.20 23.53
CA HIS A 31 -6.46 -35.62 23.29
C HIS A 31 -5.91 -36.43 24.46
N LYS A 32 -6.63 -37.49 24.82
CA LYS A 32 -6.26 -38.27 25.99
C LYS A 32 -4.99 -39.09 25.79
N LYS A 33 -4.59 -39.33 24.55
CA LYS A 33 -3.46 -40.22 24.27
C LYS A 33 -2.26 -39.51 23.65
N THR A 34 -2.45 -38.35 23.03
CA THR A 34 -1.38 -37.64 22.35
C THR A 34 -1.00 -36.33 23.02
N GLY A 35 -1.97 -35.60 23.58
CA GLY A 35 -1.71 -34.29 24.14
C GLY A 35 -1.89 -33.14 23.17
N ASP A 36 -2.13 -33.43 21.89
CA ASP A 36 -2.37 -32.38 20.92
C ASP A 36 -3.69 -31.67 21.20
N LEU A 37 -3.70 -30.35 21.02
CA LEU A 37 -4.88 -29.56 21.29
C LEU A 37 -5.87 -29.65 20.14
N PHE A 38 -7.16 -29.62 20.48
CA PHE A 38 -8.23 -29.69 19.49
C PHE A 38 -9.34 -28.74 19.90
N ALA A 39 -10.17 -28.37 18.92
CA ALA A 39 -11.36 -27.56 19.16
C ALA A 39 -12.54 -28.51 19.33
N ILE A 40 -13.06 -28.59 20.55
CA ILE A 40 -14.13 -29.52 20.89
C ILE A 40 -15.45 -28.76 20.85
N LYS A 41 -16.40 -29.25 20.06
CA LYS A 41 -17.71 -28.64 19.93
C LYS A 41 -18.73 -29.48 20.70
N VAL A 42 -19.31 -28.90 21.75
CA VAL A 42 -20.30 -29.57 22.59
C VAL A 42 -21.65 -28.95 22.31
N PHE A 43 -22.63 -29.78 21.95
CA PHE A 43 -23.98 -29.30 21.68
C PHE A 43 -24.74 -29.07 22.97
N VAL A 54 -29.97 -38.58 10.70
CA VAL A 54 -29.81 -37.50 9.75
C VAL A 54 -28.46 -36.81 9.95
N GLN A 55 -28.04 -36.69 11.21
CA GLN A 55 -26.77 -36.07 11.52
C GLN A 55 -25.60 -36.97 11.13
N MET A 56 -25.73 -38.27 11.40
CA MET A 56 -24.63 -39.20 11.18
C MET A 56 -24.17 -39.26 9.74
N ARG A 57 -24.96 -38.75 8.81
CA ARG A 57 -24.57 -38.68 7.41
C ARG A 57 -23.95 -37.33 7.07
N GLU A 58 -24.63 -36.25 7.42
CA GLU A 58 -24.16 -34.91 7.10
C GLU A 58 -22.89 -34.54 7.85
N PHE A 59 -22.54 -35.27 8.90
CA PHE A 59 -21.27 -35.03 9.58
C PHE A 59 -20.13 -35.85 8.98
N GLU A 60 -20.39 -37.14 8.72
CA GLU A 60 -19.38 -37.98 8.10
C GLU A 60 -19.05 -37.51 6.69
N VAL A 61 -19.98 -36.85 6.02
CA VAL A 61 -19.64 -36.26 4.73
C VAL A 61 -18.78 -35.01 4.92
N LEU A 62 -18.89 -34.36 6.08
CA LEU A 62 -18.03 -33.23 6.40
C LEU A 62 -16.65 -33.67 6.87
N LYS A 63 -16.50 -34.93 7.28
CA LYS A 63 -15.18 -35.44 7.65
C LYS A 63 -14.21 -35.38 6.47
N LYS A 64 -14.65 -35.84 5.30
CA LYS A 64 -13.74 -35.95 4.16
C LYS A 64 -13.37 -34.59 3.57
N LEU A 65 -14.11 -33.53 3.91
CA LEU A 65 -13.82 -32.19 3.40
C LEU A 65 -12.43 -31.75 3.83
N ASN A 66 -11.47 -31.83 2.91
CA ASN A 66 -10.08 -31.45 3.17
C ASN A 66 -9.69 -30.33 2.23
N HIS A 67 -9.25 -29.21 2.79
CA HIS A 67 -8.78 -28.08 1.99
C HIS A 67 -7.96 -27.17 2.90
N LYS A 68 -7.13 -26.33 2.26
CA LYS A 68 -6.29 -25.42 3.03
C LYS A 68 -7.11 -24.35 3.74
N ASN A 69 -8.24 -23.94 3.16
CA ASN A 69 -9.06 -22.88 3.71
C ASN A 69 -10.35 -23.41 4.33
N ILE A 70 -10.31 -24.63 4.86
CA ILE A 70 -11.46 -25.25 5.51
C ILE A 70 -10.98 -25.92 6.80
N VAL A 71 -11.61 -25.57 7.92
CA VAL A 71 -11.29 -26.19 9.20
C VAL A 71 -11.64 -27.67 9.13
N LYS A 72 -10.61 -28.52 9.19
CA LYS A 72 -10.80 -29.96 9.03
C LYS A 72 -11.57 -30.53 10.21
N LEU A 73 -12.79 -30.98 9.95
CA LEU A 73 -13.56 -31.72 10.96
C LEU A 73 -12.92 -33.09 11.15
N PHE A 74 -12.22 -33.28 12.27
CA PHE A 74 -11.49 -34.52 12.49
C PHE A 74 -12.43 -35.69 12.73
N ALA A 75 -13.20 -35.63 13.83
CA ALA A 75 -14.01 -36.78 14.20
C ALA A 75 -15.29 -36.32 14.87
N ILE A 76 -16.15 -37.29 15.19
CA ILE A 76 -17.38 -37.06 15.95
C ILE A 76 -17.45 -38.13 17.03
N GLU A 77 -17.50 -37.70 18.29
CA GLU A 77 -17.59 -38.59 19.43
C GLU A 77 -18.83 -38.24 20.26
N GLU A 78 -19.03 -38.99 21.34
CA GLU A 78 -20.16 -38.75 22.24
C GLU A 78 -19.62 -38.58 23.66
N GLU A 79 -20.04 -37.50 24.32
CA GLU A 79 -19.54 -37.15 25.64
C GLU A 79 -19.90 -38.24 26.66
N THR A 80 -19.23 -38.18 27.82
CA THR A 80 -19.40 -39.22 28.83
C THR A 80 -20.64 -38.98 29.70
N THR A 81 -20.75 -37.80 30.29
CA THR A 81 -21.80 -37.55 31.28
C THR A 81 -23.15 -37.27 30.62
N THR A 82 -23.16 -36.54 29.50
CA THR A 82 -24.40 -36.15 28.85
C THR A 82 -24.67 -36.87 27.53
N ARG A 83 -23.70 -37.61 27.01
CA ARG A 83 -23.83 -38.33 25.74
C ARG A 83 -24.21 -37.40 24.60
N HIS A 84 -23.71 -36.17 24.64
CA HIS A 84 -23.98 -35.20 23.58
C HIS A 84 -23.05 -35.43 22.40
N LYS A 85 -23.53 -35.05 21.21
CA LYS A 85 -22.72 -35.16 20.00
C LYS A 85 -21.61 -34.12 20.03
N VAL A 86 -20.37 -34.57 20.15
CA VAL A 86 -19.20 -33.70 20.26
C VAL A 86 -18.42 -33.77 18.95
N LEU A 87 -18.10 -32.61 18.40
CA LEU A 87 -17.36 -32.51 17.15
C LEU A 87 -15.89 -32.21 17.47
N ILE A 88 -15.01 -33.13 17.09
CA ILE A 88 -13.57 -32.94 17.22
C ILE A 88 -13.08 -32.24 15.96
N MET A 89 -12.75 -30.95 16.09
CA MET A 89 -12.36 -30.10 14.97
C MET A 89 -10.95 -29.55 15.19
N GLU A 90 -10.40 -28.96 14.14
CA GLU A 90 -9.05 -28.42 14.18
C GLU A 90 -8.98 -27.18 15.06
N PHE A 91 -7.92 -27.09 15.86
CA PHE A 91 -7.72 -25.97 16.77
C PHE A 91 -6.92 -24.88 16.07
N CYS A 92 -7.33 -23.63 16.32
CA CYS A 92 -6.72 -22.46 15.68
C CYS A 92 -6.34 -21.46 16.78
N PRO A 93 -5.09 -21.53 17.27
CA PRO A 93 -4.72 -20.73 18.46
C PRO A 93 -4.80 -19.22 18.25
N CYS A 94 -4.90 -18.74 17.02
CA CYS A 94 -4.89 -17.31 16.77
C CYS A 94 -6.27 -16.66 16.87
N GLY A 95 -7.32 -17.40 16.55
CA GLY A 95 -8.67 -16.88 16.61
C GLY A 95 -9.27 -16.67 15.23
N SER A 96 -10.30 -15.83 15.18
CA SER A 96 -11.02 -15.54 13.96
C SER A 96 -10.57 -14.22 13.36
N LEU A 97 -11.05 -13.94 12.15
CA LEU A 97 -10.74 -12.68 11.49
C LEU A 97 -11.25 -11.48 12.29
N TYR A 98 -12.38 -11.65 12.99
CA TYR A 98 -12.89 -10.59 13.85
C TYR A 98 -11.88 -10.24 14.94
N THR A 99 -11.25 -11.27 15.53
CA THR A 99 -10.23 -11.02 16.54
C THR A 99 -9.05 -10.24 15.97
N VAL A 100 -8.71 -10.51 14.71
CA VAL A 100 -7.64 -9.75 14.06
C VAL A 100 -8.06 -8.31 13.83
N LEU A 101 -9.33 -8.10 13.45
CA LEU A 101 -9.82 -6.75 13.24
C LEU A 101 -9.99 -5.98 14.55
N GLU A 102 -10.02 -6.68 15.69
CA GLU A 102 -10.12 -5.99 16.97
C GLU A 102 -8.80 -5.40 17.43
N GLU A 103 -7.68 -5.83 16.86
CA GLU A 103 -6.40 -5.26 17.24
C GLU A 103 -6.28 -3.82 16.71
N PRO A 104 -5.60 -2.96 17.46
CA PRO A 104 -5.50 -1.54 17.03
C PRO A 104 -4.74 -1.36 15.73
N SER A 105 -3.80 -2.25 15.41
CA SER A 105 -3.05 -2.14 14.17
C SER A 105 -3.92 -2.32 12.94
N ASN A 106 -5.14 -2.84 13.10
CA ASN A 106 -6.07 -3.02 11.99
C ASN A 106 -7.36 -2.25 12.20
N ALA A 107 -7.35 -1.23 13.05
CA ALA A 107 -8.53 -0.41 13.28
C ALA A 107 -8.89 0.44 12.08
N TYR A 108 -7.94 0.68 11.18
CA TYR A 108 -8.17 1.44 9.96
C TYR A 108 -7.82 0.62 8.72
N GLY A 109 -8.03 -0.68 8.78
CA GLY A 109 -7.77 -1.55 7.65
C GLY A 109 -6.60 -2.49 7.90
N LEU A 110 -6.69 -3.67 7.31
CA LEU A 110 -5.61 -4.65 7.41
C LEU A 110 -4.41 -4.18 6.59
N PRO A 111 -3.23 -4.74 6.86
CA PRO A 111 -2.12 -4.57 5.94
C PRO A 111 -2.44 -5.17 4.58
N GLU A 112 -1.71 -4.72 3.56
CA GLU A 112 -2.02 -5.11 2.19
C GLU A 112 -1.82 -6.61 1.98
N SER A 113 -0.65 -7.13 2.37
CA SER A 113 -0.36 -8.54 2.18
C SER A 113 -1.36 -9.41 2.94
N GLU A 114 -1.65 -9.06 4.19
CA GLU A 114 -2.64 -9.80 4.97
C GLU A 114 -4.00 -9.79 4.28
N PHE A 115 -4.38 -8.64 3.71
CA PHE A 115 -5.63 -8.57 2.96
C PHE A 115 -5.63 -9.52 1.78
N LEU A 116 -4.51 -9.57 1.03
CA LEU A 116 -4.43 -10.50 -0.08
C LEU A 116 -4.53 -11.95 0.39
N ILE A 117 -3.96 -12.25 1.56
CA ILE A 117 -4.08 -13.60 2.12
C ILE A 117 -5.53 -13.92 2.43
N VAL A 118 -6.24 -12.97 3.06
CA VAL A 118 -7.64 -13.18 3.41
C VAL A 118 -8.47 -13.42 2.16
N LEU A 119 -8.27 -12.59 1.13
CA LEU A 119 -9.03 -12.75 -0.10
C LEU A 119 -8.73 -14.08 -0.77
N ARG A 120 -7.45 -14.46 -0.83
CA ARG A 120 -7.08 -15.72 -1.47
C ARG A 120 -7.68 -16.92 -0.74
N ASP A 121 -7.65 -16.91 0.60
CA ASP A 121 -8.19 -18.03 1.35
C ASP A 121 -9.71 -18.08 1.26
N VAL A 122 -10.37 -16.92 1.32
CA VAL A 122 -11.83 -16.90 1.25
C VAL A 122 -12.31 -17.38 -0.12
N VAL A 123 -11.71 -16.86 -1.19
CA VAL A 123 -12.11 -17.28 -2.53
C VAL A 123 -11.79 -18.76 -2.74
N GLY A 124 -10.58 -19.17 -2.38
CA GLY A 124 -10.18 -20.55 -2.56
C GLY A 124 -10.97 -21.53 -1.72
N GLY A 125 -11.57 -21.08 -0.62
CA GLY A 125 -12.40 -21.94 0.20
C GLY A 125 -13.83 -22.02 -0.29
N MET A 126 -14.41 -20.86 -0.59
CA MET A 126 -15.79 -20.85 -1.08
C MET A 126 -15.90 -21.51 -2.45
N ASN A 127 -14.84 -21.46 -3.25
CA ASN A 127 -14.87 -22.16 -4.54
C ASN A 127 -14.90 -23.67 -4.33
N HIS A 128 -14.16 -24.16 -3.33
CA HIS A 128 -14.22 -25.59 -3.01
C HIS A 128 -15.59 -25.96 -2.46
N LEU A 129 -16.15 -25.11 -1.60
CA LEU A 129 -17.49 -25.39 -1.07
C LEU A 129 -18.55 -25.40 -2.16
N ARG A 130 -18.38 -24.57 -3.20
CA ARG A 130 -19.31 -24.61 -4.32
C ARG A 130 -19.06 -25.83 -5.21
N GLU A 131 -17.80 -26.24 -5.36
CA GLU A 131 -17.52 -27.50 -6.04
C GLU A 131 -18.17 -28.67 -5.32
N ASN A 132 -18.33 -28.58 -4.00
CA ASN A 132 -19.05 -29.58 -3.23
C ASN A 132 -20.50 -29.19 -2.96
N GLY A 133 -20.87 -27.93 -3.16
CA GLY A 133 -22.26 -27.51 -3.03
C GLY A 133 -22.73 -27.25 -1.62
N ILE A 134 -22.04 -26.35 -0.91
CA ILE A 134 -22.42 -25.97 0.44
C ILE A 134 -22.48 -24.44 0.48
N VAL A 135 -23.69 -23.91 0.62
CA VAL A 135 -23.90 -22.46 0.69
C VAL A 135 -23.73 -22.01 2.13
N HIS A 136 -22.97 -20.94 2.33
CA HIS A 136 -22.64 -20.44 3.66
C HIS A 136 -23.49 -19.25 4.08
N ARG A 137 -23.70 -18.29 3.18
CA ARG A 137 -24.51 -17.11 3.44
C ARG A 137 -23.98 -16.29 4.61
N ASP A 138 -24.04 -16.85 5.82
CA ASP A 138 -23.54 -16.16 7.02
C ASP A 138 -22.02 -16.28 7.05
N ILE A 139 -21.37 -15.37 6.33
CA ILE A 139 -19.91 -15.34 6.22
C ILE A 139 -19.45 -14.01 6.77
N LYS A 140 -18.95 -14.01 8.00
CA LYS A 140 -18.47 -12.82 8.69
C LYS A 140 -17.06 -13.07 9.16
N PRO A 141 -16.35 -12.00 9.58
CA PRO A 141 -15.03 -12.22 10.20
C PRO A 141 -15.05 -13.15 11.40
N GLY A 142 -16.23 -13.42 11.98
CA GLY A 142 -16.32 -14.41 13.04
C GLY A 142 -16.40 -15.84 12.57
N ASN A 143 -16.68 -16.06 11.28
CA ASN A 143 -16.74 -17.39 10.69
C ASN A 143 -15.46 -17.77 9.96
N ILE A 144 -14.45 -16.91 9.98
CA ILE A 144 -13.19 -17.14 9.27
C ILE A 144 -12.08 -17.18 10.31
N MET A 145 -11.53 -18.38 10.54
CA MET A 145 -10.47 -18.56 11.51
C MET A 145 -9.11 -18.31 10.87
N ARG A 146 -8.12 -18.04 11.71
CA ARG A 146 -6.76 -17.77 11.28
C ARG A 146 -5.79 -18.70 12.00
N VAL A 147 -4.97 -19.40 11.21
CA VAL A 147 -3.91 -20.26 11.75
C VAL A 147 -2.58 -19.75 11.21
N ILE A 148 -1.50 -20.33 11.72
CA ILE A 148 -0.15 -20.01 11.29
C ILE A 148 0.39 -21.19 10.49
N GLY A 149 0.68 -20.95 9.21
CA GLY A 149 1.24 -21.99 8.38
C GLY A 149 2.68 -22.31 8.74
N GLU A 150 3.20 -23.35 8.11
CA GLU A 150 4.58 -23.76 8.34
C GLU A 150 5.60 -22.74 7.86
N ASP A 151 5.18 -21.77 7.03
CA ASP A 151 6.10 -20.77 6.50
C ASP A 151 6.10 -19.48 7.32
N GLY A 152 5.08 -19.23 8.14
CA GLY A 152 4.99 -18.05 8.98
C GLY A 152 3.81 -17.16 8.66
N GLN A 153 3.36 -17.16 7.42
CA GLN A 153 2.21 -16.36 7.03
C GLN A 153 0.91 -17.02 7.53
N SER A 154 -0.12 -16.19 7.66
CA SER A 154 -1.40 -16.67 8.15
C SER A 154 -2.13 -17.48 7.09
N VAL A 155 -2.98 -18.39 7.55
CA VAL A 155 -3.83 -19.20 6.67
C VAL A 155 -5.24 -19.18 7.25
N TYR A 156 -6.18 -18.64 6.49
CA TYR A 156 -7.55 -18.46 6.95
C TYR A 156 -8.42 -19.62 6.46
N LYS A 157 -9.35 -20.05 7.32
CA LYS A 157 -10.19 -21.20 7.02
C LYS A 157 -11.64 -20.88 7.38
N LEU A 158 -12.55 -21.65 6.79
CA LEU A 158 -13.97 -21.59 7.12
C LEU A 158 -14.32 -22.77 8.02
N THR A 159 -15.33 -22.57 8.87
CA THR A 159 -15.67 -23.58 9.86
C THR A 159 -17.16 -23.78 10.07
N ASP A 160 -17.89 -22.72 10.43
CA ASP A 160 -19.29 -22.83 10.84
C ASP A 160 -20.19 -22.65 9.62
N PHE A 161 -20.58 -23.77 9.01
CA PHE A 161 -21.50 -23.74 7.87
C PHE A 161 -22.35 -25.00 7.83
N GLY A 178 -28.32 -15.41 9.18
CA GLY A 178 -27.06 -14.70 9.13
C GLY A 178 -26.83 -13.79 10.32
N THR A 179 -25.83 -12.92 10.22
CA THR A 179 -25.51 -11.97 11.27
C THR A 179 -26.21 -10.64 10.99
N GLU A 180 -26.56 -9.93 12.07
CA GLU A 180 -27.38 -8.74 11.95
C GLU A 180 -26.73 -7.67 11.07
N GLU A 181 -25.41 -7.65 11.00
CA GLU A 181 -24.69 -6.63 10.23
C GLU A 181 -24.31 -7.09 8.83
N TYR A 182 -24.36 -8.38 8.55
CA TYR A 182 -23.89 -8.94 7.28
C TYR A 182 -25.03 -9.59 6.51
N LEU A 183 -26.22 -9.01 6.58
CA LEU A 183 -27.40 -9.57 5.95
C LEU A 183 -27.73 -8.86 4.63
N HIS A 184 -28.37 -9.59 3.74
CA HIS A 184 -28.87 -9.07 2.48
C HIS A 184 -30.18 -8.32 2.70
N PRO A 185 -30.43 -7.25 1.94
CA PRO A 185 -31.68 -6.48 2.14
C PRO A 185 -32.94 -7.33 2.03
N ASP A 186 -32.95 -8.35 1.18
CA ASP A 186 -34.12 -9.23 1.10
C ASP A 186 -34.12 -10.27 2.22
N MET A 187 -32.94 -10.72 2.65
CA MET A 187 -32.85 -11.63 3.79
C MET A 187 -33.02 -10.91 5.11
N TYR A 188 -32.85 -9.58 5.12
CA TYR A 188 -32.97 -8.81 6.35
C TYR A 188 -34.40 -8.81 6.90
N GLU A 189 -35.39 -9.05 6.05
CA GLU A 189 -36.79 -9.06 6.48
C GLU A 189 -37.08 -10.24 7.40
N ASP A 206 -25.86 -14.35 -1.54
CA ASP A 206 -24.76 -15.06 -0.91
C ASP A 206 -23.49 -14.22 -0.92
N LEU A 207 -23.34 -13.40 -1.96
CA LEU A 207 -22.13 -12.59 -2.17
C LEU A 207 -22.19 -11.26 -1.45
N TRP A 208 -23.08 -11.09 -0.48
CA TRP A 208 -23.23 -9.82 0.23
C TRP A 208 -22.29 -9.74 1.43
N SER A 209 -22.43 -10.67 2.37
CA SER A 209 -21.57 -10.69 3.55
C SER A 209 -20.10 -10.82 3.19
N ILE A 210 -19.80 -11.40 2.03
CA ILE A 210 -18.42 -11.44 1.56
C ILE A 210 -17.92 -10.03 1.25
N GLY A 211 -18.75 -9.23 0.57
CA GLY A 211 -18.35 -7.86 0.28
C GLY A 211 -18.26 -7.01 1.53
N VAL A 212 -19.20 -7.19 2.46
CA VAL A 212 -19.14 -6.45 3.72
C VAL A 212 -17.90 -6.84 4.51
N THR A 213 -17.53 -8.12 4.46
CA THR A 213 -16.32 -8.58 5.14
C THR A 213 -15.07 -7.99 4.50
N PHE A 214 -15.03 -7.94 3.17
CA PHE A 214 -13.86 -7.38 2.49
C PHE A 214 -13.72 -5.89 2.77
N TYR A 215 -14.84 -5.16 2.78
CA TYR A 215 -14.79 -3.75 3.13
C TYR A 215 -14.34 -3.55 4.58
N HIS A 216 -14.89 -4.35 5.49
CA HIS A 216 -14.50 -4.26 6.89
C HIS A 216 -13.01 -4.55 7.07
N ALA A 217 -12.46 -5.47 6.28
CA ALA A 217 -11.05 -5.81 6.38
C ALA A 217 -10.16 -4.75 5.73
N ALA A 218 -10.65 -4.10 4.67
CA ALA A 218 -9.83 -3.12 3.95
C ALA A 218 -9.84 -1.76 4.64
N THR A 219 -10.95 -1.38 5.28
CA THR A 219 -11.08 -0.07 5.89
C THR A 219 -11.03 -0.07 7.40
N GLY A 220 -11.22 -1.23 8.04
CA GLY A 220 -11.28 -1.30 9.49
C GLY A 220 -12.61 -0.96 10.09
N SER A 221 -13.58 -0.50 9.29
CA SER A 221 -14.90 -0.16 9.76
C SER A 221 -15.94 -0.72 8.80
N LEU A 222 -17.19 -0.76 9.27
CA LEU A 222 -18.27 -1.32 8.47
C LEU A 222 -18.69 -0.34 7.37
N PRO A 223 -19.23 -0.85 6.26
CA PRO A 223 -19.59 0.03 5.15
C PRO A 223 -20.85 0.85 5.40
N PHE A 224 -21.82 0.29 6.13
CA PHE A 224 -23.11 0.94 6.35
C PHE A 224 -23.31 1.10 7.86
N ARG A 225 -22.98 2.28 8.39
CA ARG A 225 -23.08 2.55 9.82
C ARG A 225 -24.04 3.71 10.05
N PRO A 226 -25.12 3.51 10.82
CA PRO A 226 -25.94 4.65 11.23
C PRO A 226 -25.23 5.52 12.27
N PHE A 227 -25.97 6.36 12.98
CA PHE A 227 -25.35 7.21 14.00
C PHE A 227 -25.04 6.43 15.26
N GLU A 228 -26.08 5.99 15.98
CA GLU A 228 -25.91 5.28 17.24
C GLU A 228 -25.63 3.80 17.00
N GLY A 229 -25.04 3.46 15.86
CA GLY A 229 -24.70 2.09 15.55
C GLY A 229 -25.93 1.25 15.22
N PRO A 230 -25.72 0.12 14.57
CA PRO A 230 -26.84 -0.77 14.23
C PRO A 230 -27.49 -1.38 15.45
N ARG A 231 -28.21 -0.57 16.23
CA ARG A 231 -28.94 -1.05 17.40
C ARG A 231 -30.34 -0.46 17.42
N ARG A 232 -30.50 0.70 18.07
CA ARG A 232 -31.79 1.38 18.02
C ARG A 232 -32.03 2.02 16.67
N ASN A 233 -30.96 2.43 15.98
CA ASN A 233 -31.04 2.93 14.61
C ASN A 233 -31.14 1.81 13.59
N LYS A 234 -31.57 0.61 14.01
CA LYS A 234 -31.61 -0.54 13.11
C LYS A 234 -32.46 -0.26 11.88
N GLU A 235 -33.61 0.41 12.07
CA GLU A 235 -34.45 0.74 10.92
C GLU A 235 -33.67 1.59 9.91
N VAL A 236 -32.89 2.55 10.39
CA VAL A 236 -32.03 3.33 9.51
C VAL A 236 -31.14 2.41 8.70
N MET A 237 -30.56 1.40 9.36
CA MET A 237 -29.77 0.40 8.66
C MET A 237 -30.52 -0.13 7.44
N TYR A 238 -31.76 -0.57 7.64
CA TYR A 238 -32.54 -1.06 6.51
C TYR A 238 -32.70 0.03 5.45
N LYS A 239 -33.08 1.23 5.89
CA LYS A 239 -33.21 2.34 4.95
C LYS A 239 -31.89 2.68 4.28
N ILE A 240 -30.77 2.34 4.91
CA ILE A 240 -29.47 2.55 4.28
C ILE A 240 -29.24 1.52 3.18
N ILE A 241 -29.69 0.28 3.39
CA ILE A 241 -29.44 -0.76 2.41
C ILE A 241 -30.43 -0.68 1.26
N THR A 242 -31.70 -0.34 1.55
CA THR A 242 -32.69 -0.17 0.50
C THR A 242 -32.50 1.11 -0.30
N GLY A 243 -31.57 1.97 0.10
CA GLY A 243 -31.23 3.13 -0.69
C GLY A 243 -30.38 2.86 -1.90
N LYS A 244 -29.95 1.59 -2.08
CA LYS A 244 -29.17 1.03 -3.17
C LYS A 244 -28.67 2.04 -4.19
N PRO A 245 -27.58 2.77 -3.88
CA PRO A 245 -27.04 3.73 -4.84
C PRO A 245 -26.14 3.07 -5.87
N SER A 246 -26.33 1.77 -6.09
CA SER A 246 -25.61 1.00 -7.10
C SER A 246 -24.11 0.98 -6.83
N GLY A 247 -23.38 1.85 -7.53
CA GLY A 247 -21.93 1.82 -7.45
C GLY A 247 -21.36 2.15 -6.09
N ALA A 248 -22.03 3.01 -5.33
CA ALA A 248 -21.47 3.39 -4.03
C ALA A 248 -21.41 2.18 -3.11
N ILE A 249 -20.45 2.21 -2.17
CA ILE A 249 -20.19 1.08 -1.30
C ILE A 249 -20.22 1.52 0.16
N SER A 250 -20.29 2.83 0.40
CA SER A 250 -20.20 3.37 1.75
C SER A 250 -21.33 4.37 1.99
N GLY A 251 -21.79 4.40 3.24
CA GLY A 251 -22.81 5.34 3.68
C GLY A 251 -22.75 5.55 5.18
N VAL A 252 -22.38 6.75 5.61
CA VAL A 252 -22.12 7.04 7.02
C VAL A 252 -23.09 8.13 7.47
N GLN A 253 -23.88 7.83 8.49
CA GLN A 253 -24.79 8.79 9.11
C GLN A 253 -24.05 9.46 10.26
N LYS A 254 -23.48 10.65 10.00
CA LYS A 254 -22.67 11.35 10.97
C LYS A 254 -23.48 12.27 11.89
N ALA A 255 -24.79 12.08 11.94
CA ALA A 255 -25.65 12.86 12.83
C ALA A 255 -26.90 12.06 13.13
N GLU A 256 -27.40 12.17 14.35
CA GLU A 256 -28.57 11.41 14.76
C GLU A 256 -29.77 11.80 13.92
N ASN A 257 -30.36 10.80 13.23
CA ASN A 257 -31.49 11.00 12.32
C ASN A 257 -31.14 12.00 11.22
N GLY A 258 -29.88 12.05 10.81
CA GLY A 258 -29.44 12.96 9.78
C GLY A 258 -29.35 12.28 8.43
N PRO A 259 -28.56 12.86 7.53
CA PRO A 259 -28.41 12.27 6.20
C PRO A 259 -27.47 11.08 6.18
N ILE A 260 -27.19 10.55 5.00
CA ILE A 260 -26.29 9.41 4.83
C ILE A 260 -25.24 9.80 3.80
N ASP A 261 -24.00 9.94 4.24
CA ASP A 261 -22.89 10.29 3.35
C ASP A 261 -22.52 9.06 2.52
N TRP A 262 -22.81 9.11 1.22
CA TRP A 262 -22.51 8.01 0.32
C TRP A 262 -21.13 8.19 -0.31
N SER A 263 -20.50 7.08 -0.65
CA SER A 263 -19.20 7.11 -1.29
C SER A 263 -18.99 5.80 -2.05
N GLY A 264 -18.32 5.90 -3.20
CA GLY A 264 -18.04 4.73 -4.00
C GLY A 264 -16.59 4.28 -3.89
N ASP A 265 -15.74 5.17 -3.42
CA ASP A 265 -14.32 4.89 -3.25
C ASP A 265 -14.03 4.59 -1.78
N MET A 266 -12.89 3.92 -1.56
CA MET A 266 -12.48 3.59 -0.20
C MET A 266 -12.03 4.86 0.53
N PRO A 267 -12.17 4.90 1.86
CA PRO A 267 -11.79 6.09 2.60
C PRO A 267 -10.28 6.34 2.54
N VAL A 268 -9.89 7.54 2.95
CA VAL A 268 -8.47 7.91 2.93
C VAL A 268 -7.70 7.13 3.98
N SER A 269 -8.35 6.73 5.07
CA SER A 269 -7.68 5.95 6.11
C SER A 269 -7.39 4.52 5.67
N CYS A 270 -7.86 4.11 4.49
CA CYS A 270 -7.57 2.78 4.00
C CYS A 270 -6.08 2.61 3.73
N SER A 271 -5.48 1.58 4.33
CA SER A 271 -4.05 1.35 4.23
C SER A 271 -3.64 0.63 2.95
N LEU A 272 -4.59 0.25 2.11
CA LEU A 272 -4.24 -0.40 0.85
C LEU A 272 -3.68 0.62 -0.14
N SER A 273 -2.91 0.12 -1.10
CA SER A 273 -2.35 0.97 -2.14
C SER A 273 -3.46 1.47 -3.05
N ARG A 274 -3.19 2.59 -3.74
CA ARG A 274 -4.20 3.20 -4.59
C ARG A 274 -4.59 2.28 -5.74
N GLY A 275 -3.62 1.55 -6.29
CA GLY A 275 -3.94 0.60 -7.35
C GLY A 275 -4.84 -0.52 -6.87
N LEU A 276 -4.56 -1.05 -5.68
CA LEU A 276 -5.42 -2.09 -5.11
C LEU A 276 -6.83 -1.57 -4.86
N GLN A 277 -6.96 -0.30 -4.50
CA GLN A 277 -8.28 0.31 -4.37
C GLN A 277 -8.96 0.42 -5.73
N VAL A 278 -8.20 0.76 -6.77
CA VAL A 278 -8.76 0.86 -8.12
C VAL A 278 -9.30 -0.49 -8.57
N LEU A 279 -8.56 -1.57 -8.29
CA LEU A 279 -9.01 -2.90 -8.70
C LEU A 279 -10.03 -3.51 -7.74
N LEU A 280 -10.15 -2.96 -6.53
CA LEU A 280 -11.04 -3.52 -5.52
C LEU A 280 -12.41 -2.85 -5.52
N THR A 281 -12.48 -1.57 -5.90
CA THR A 281 -13.75 -0.85 -5.86
C THR A 281 -14.85 -1.50 -6.71
N PRO A 282 -14.62 -1.86 -7.98
CA PRO A 282 -15.73 -2.45 -8.76
C PRO A 282 -16.19 -3.80 -8.25
N VAL A 283 -15.27 -4.62 -7.73
CA VAL A 283 -15.64 -5.94 -7.23
C VAL A 283 -16.65 -5.82 -6.10
N LEU A 284 -16.43 -4.86 -5.19
CA LEU A 284 -17.39 -4.62 -4.12
C LEU A 284 -18.64 -3.92 -4.64
N ALA A 285 -18.47 -2.99 -5.58
CA ALA A 285 -19.60 -2.20 -6.06
C ALA A 285 -20.63 -3.06 -6.78
N ASN A 286 -20.19 -4.11 -7.47
CA ASN A 286 -21.09 -4.93 -8.26
C ASN A 286 -21.71 -6.07 -7.47
N ILE A 287 -21.33 -6.27 -6.21
CA ILE A 287 -21.90 -7.31 -5.38
C ILE A 287 -22.65 -6.71 -4.19
N LEU A 288 -22.94 -5.41 -4.23
CA LEU A 288 -23.60 -4.71 -3.13
C LEU A 288 -24.80 -3.91 -3.66
N GLU A 289 -25.78 -4.62 -4.20
CA GLU A 289 -27.06 -4.03 -4.56
C GLU A 289 -28.10 -5.14 -4.64
N ALA A 290 -29.33 -4.82 -4.20
CA ALA A 290 -30.37 -5.83 -4.04
C ALA A 290 -30.86 -6.41 -5.36
N ASP A 291 -30.50 -5.82 -6.49
CA ASP A 291 -30.98 -6.30 -7.79
C ASP A 291 -30.25 -7.56 -8.18
N GLN A 292 -30.98 -8.68 -8.25
CA GLN A 292 -30.42 -9.89 -8.84
C GLN A 292 -30.13 -9.71 -10.32
N GLU A 293 -30.82 -8.77 -10.97
CA GLU A 293 -30.51 -8.45 -12.36
C GLU A 293 -29.13 -7.84 -12.50
N LYS A 294 -28.66 -7.11 -11.49
CA LYS A 294 -27.37 -6.44 -11.53
C LYS A 294 -26.33 -7.09 -10.63
N CYS A 295 -26.58 -8.31 -10.15
CA CYS A 295 -25.62 -9.03 -9.36
C CYS A 295 -24.69 -9.85 -10.26
N TRP A 296 -23.44 -9.99 -9.82
CA TRP A 296 -22.44 -10.67 -10.64
C TRP A 296 -22.66 -12.18 -10.67
N GLY A 297 -22.70 -12.81 -9.50
CA GLY A 297 -22.66 -14.25 -9.41
C GLY A 297 -21.27 -14.76 -9.15
N PHE A 298 -21.19 -16.01 -8.68
CA PHE A 298 -19.89 -16.56 -8.28
C PHE A 298 -18.95 -16.75 -9.46
N ASP A 299 -19.47 -16.89 -10.68
CA ASP A 299 -18.58 -17.07 -11.82
C ASP A 299 -17.83 -15.79 -12.13
N GLN A 300 -18.54 -14.67 -12.29
CA GLN A 300 -17.87 -13.39 -12.51
C GLN A 300 -17.04 -13.00 -11.29
N PHE A 301 -17.56 -13.25 -10.09
CA PHE A 301 -16.82 -12.93 -8.87
C PHE A 301 -15.49 -13.67 -8.83
N PHE A 302 -15.53 -15.00 -8.96
CA PHE A 302 -14.31 -15.78 -8.94
C PHE A 302 -13.38 -15.42 -10.09
N ALA A 303 -13.94 -15.08 -11.25
CA ALA A 303 -13.11 -14.71 -12.39
C ALA A 303 -12.33 -13.43 -12.11
N GLU A 304 -13.02 -12.38 -11.63
CA GLU A 304 -12.35 -11.11 -11.40
C GLU A 304 -11.40 -11.18 -10.20
N THR A 305 -11.81 -11.85 -9.13
CA THR A 305 -10.91 -12.03 -7.98
C THR A 305 -9.67 -12.80 -8.39
N SER A 306 -9.85 -13.87 -9.18
CA SER A 306 -8.69 -14.60 -9.70
C SER A 306 -7.83 -13.72 -10.59
N ASP A 307 -8.45 -12.76 -11.30
CA ASP A 307 -7.68 -11.81 -12.09
C ASP A 307 -6.82 -10.93 -11.20
N ILE A 308 -7.37 -10.50 -10.05
CA ILE A 308 -6.60 -9.67 -9.13
C ILE A 308 -5.48 -10.46 -8.49
N LEU A 309 -5.74 -11.72 -8.12
CA LEU A 309 -4.75 -12.51 -7.41
C LEU A 309 -3.58 -12.94 -8.29
N HIS A 310 -3.76 -12.94 -9.61
CA HIS A 310 -2.71 -13.37 -10.53
C HIS A 310 -1.80 -12.23 -10.97
N ARG A 311 -1.97 -11.03 -10.40
CA ARG A 311 -1.19 -9.86 -10.78
C ARG A 311 -0.01 -9.69 -9.84
N MET A 312 1.19 -9.63 -10.40
CA MET A 312 2.37 -9.32 -9.61
C MET A 312 2.44 -7.81 -9.34
N VAL A 313 3.27 -7.46 -8.36
CA VAL A 313 3.38 -6.10 -7.87
C VAL A 313 4.66 -5.48 -8.40
N ILE A 314 4.57 -4.23 -8.85
CA ILE A 314 5.72 -3.44 -9.27
C ILE A 314 5.73 -2.14 -8.48
N HIS A 315 6.75 -1.96 -7.64
CA HIS A 315 6.86 -0.76 -6.82
C HIS A 315 7.45 0.38 -7.65
N VAL A 316 6.71 1.48 -7.77
CA VAL A 316 7.13 2.64 -8.55
C VAL A 316 6.93 3.88 -7.70
N PHE A 317 8.00 4.64 -7.48
CA PHE A 317 7.96 5.83 -6.63
C PHE A 317 8.14 7.07 -7.51
N SER A 318 7.05 7.81 -7.71
CA SER A 318 7.11 9.10 -8.40
C SER A 318 7.94 10.08 -7.59
N LEU A 319 9.10 10.45 -8.12
CA LEU A 319 10.04 11.29 -7.39
C LEU A 319 9.65 12.77 -7.45
N GLN A 320 9.20 13.24 -8.62
CA GLN A 320 8.78 14.63 -8.74
C GLN A 320 7.48 14.91 -7.99
N GLN A 321 6.65 13.89 -7.78
CA GLN A 321 5.44 14.03 -6.99
C GLN A 321 5.63 13.58 -5.55
N MET A 322 6.74 12.90 -5.24
CA MET A 322 6.98 12.33 -3.92
C MET A 322 5.81 11.45 -3.50
N THR A 323 5.49 10.48 -4.36
CA THR A 323 4.34 9.60 -4.11
C THR A 323 4.70 8.18 -4.48
N ALA A 324 4.52 7.25 -3.55
CA ALA A 324 4.77 5.84 -3.80
C ALA A 324 3.52 5.16 -4.33
N HIS A 325 3.71 4.23 -5.27
CA HIS A 325 2.60 3.52 -5.91
C HIS A 325 2.99 2.07 -6.15
N LYS A 326 1.98 1.20 -6.10
CA LYS A 326 2.13 -0.21 -6.41
C LYS A 326 1.28 -0.52 -7.64
N ILE A 327 1.93 -0.96 -8.71
CA ILE A 327 1.23 -1.32 -9.95
C ILE A 327 0.95 -2.82 -9.92
N TYR A 328 -0.33 -3.18 -9.95
CA TYR A 328 -0.75 -4.57 -10.00
C TYR A 328 -0.91 -4.96 -11.47
N ILE A 329 0.06 -5.72 -11.99
CA ILE A 329 0.08 -6.07 -13.40
C ILE A 329 0.41 -7.55 -13.53
N HIS A 330 -0.30 -8.23 -14.43
CA HIS A 330 -0.06 -9.66 -14.65
C HIS A 330 1.37 -9.89 -15.11
N SER A 331 1.83 -11.13 -14.89
CA SER A 331 3.19 -11.50 -15.26
C SER A 331 3.38 -11.68 -16.76
N TYR A 332 2.30 -11.68 -17.54
CA TYR A 332 2.39 -11.85 -18.98
C TYR A 332 2.11 -10.57 -19.76
N ASN A 333 1.79 -9.47 -19.07
CA ASN A 333 1.57 -8.21 -19.76
C ASN A 333 2.89 -7.58 -20.19
N THR A 334 2.81 -6.77 -21.23
CA THR A 334 3.98 -6.08 -21.74
C THR A 334 4.22 -4.78 -20.96
N ALA A 335 5.39 -4.17 -21.21
CA ALA A 335 5.73 -2.94 -20.51
C ALA A 335 4.87 -1.76 -20.96
N THR A 336 4.23 -1.86 -22.12
CA THR A 336 3.35 -0.78 -22.57
C THR A 336 2.15 -0.63 -21.64
N ILE A 337 1.50 -1.75 -21.31
CA ILE A 337 0.40 -1.70 -20.35
C ILE A 337 0.90 -1.27 -18.98
N PHE A 338 2.16 -1.58 -18.66
CA PHE A 338 2.75 -1.10 -17.41
C PHE A 338 2.81 0.43 -17.39
N HIS A 339 3.33 1.03 -18.46
CA HIS A 339 3.33 2.48 -18.56
C HIS A 339 1.90 3.03 -18.56
N GLU A 340 0.94 2.27 -19.09
CA GLU A 340 -0.45 2.70 -19.07
C GLU A 340 -0.97 2.79 -17.64
N LEU A 341 -0.69 1.77 -16.82
CA LEU A 341 -1.14 1.80 -15.44
C LEU A 341 -0.42 2.89 -14.65
N VAL A 342 0.89 3.05 -14.88
CA VAL A 342 1.62 4.13 -14.22
C VAL A 342 1.04 5.49 -14.59
N TYR A 343 0.56 5.63 -15.83
CA TYR A 343 -0.12 6.85 -16.21
C TYR A 343 -1.46 6.99 -15.49
N LYS A 344 -2.24 5.92 -15.41
CA LYS A 344 -3.54 5.98 -14.76
C LYS A 344 -3.40 6.24 -13.26
N GLN A 345 -2.23 6.01 -12.68
CA GLN A 345 -2.03 6.27 -11.25
C GLN A 345 -1.25 7.55 -10.98
N THR A 346 -0.50 8.08 -11.96
CA THR A 346 0.32 9.25 -11.76
C THR A 346 0.13 10.37 -12.79
N LYS A 347 -0.68 10.15 -13.82
CA LYS A 347 -0.94 11.14 -14.87
C LYS A 347 0.31 11.55 -15.62
N ILE A 348 1.35 10.71 -15.60
CA ILE A 348 2.57 10.96 -16.35
C ILE A 348 2.44 10.31 -17.72
N ILE A 349 2.76 11.08 -18.77
CA ILE A 349 2.65 10.56 -20.13
C ILE A 349 3.61 9.40 -20.32
N SER A 350 3.14 8.35 -21.00
CA SER A 350 3.93 7.13 -21.14
C SER A 350 5.27 7.39 -21.83
N SER A 351 5.25 8.17 -22.91
CA SER A 351 6.50 8.47 -23.61
C SER A 351 7.45 9.31 -22.78
N ASN A 352 6.94 10.07 -21.80
CA ASN A 352 7.77 10.90 -20.94
C ASN A 352 8.21 10.19 -19.68
N GLN A 353 7.85 8.92 -19.50
CA GLN A 353 8.23 8.16 -18.32
C GLN A 353 9.69 7.72 -18.47
N GLU A 354 10.56 8.31 -17.65
CA GLU A 354 11.98 7.96 -17.61
C GLU A 354 12.26 7.30 -16.27
N LEU A 355 12.77 6.07 -16.31
CA LEU A 355 12.82 5.21 -15.14
C LEU A 355 14.26 5.04 -14.66
N ILE A 356 14.43 4.97 -13.34
CA ILE A 356 15.71 4.79 -12.69
C ILE A 356 15.59 3.62 -11.72
N TYR A 357 16.62 2.77 -11.70
CA TYR A 357 16.65 1.63 -10.78
C TYR A 357 18.08 1.35 -10.36
N GLU A 358 18.27 1.14 -9.05
CA GLU A 358 19.57 0.83 -8.45
C GLU A 358 20.68 1.74 -8.97
N GLY A 359 20.40 3.04 -9.07
CA GLY A 359 21.41 4.00 -9.47
C GLY A 359 21.76 4.00 -10.95
N ARG A 360 20.87 3.50 -11.81
CA ARG A 360 21.14 3.50 -13.24
C ARG A 360 19.85 3.76 -14.00
N ARG A 361 20.00 4.17 -15.25
CA ARG A 361 18.86 4.32 -16.15
C ARG A 361 18.25 2.95 -16.44
N LEU A 362 16.93 2.93 -16.56
CA LEU A 362 16.19 1.70 -16.85
C LEU A 362 15.34 1.93 -18.09
N VAL A 363 15.64 1.21 -19.17
CA VAL A 363 14.90 1.28 -20.41
C VAL A 363 14.05 0.01 -20.52
N LEU A 364 12.73 0.19 -20.54
CA LEU A 364 11.79 -0.92 -20.65
C LEU A 364 11.37 -1.05 -22.11
N GLU A 365 11.75 -2.16 -22.73
CA GLU A 365 11.27 -2.44 -24.07
C GLU A 365 9.76 -2.62 -24.05
N PRO A 366 9.03 -2.04 -25.01
CA PRO A 366 7.55 -2.09 -24.96
C PRO A 366 7.00 -3.51 -24.96
N GLY A 367 7.76 -4.50 -25.43
CA GLY A 367 7.31 -5.88 -25.43
C GLY A 367 7.84 -6.74 -24.31
N ARG A 368 8.66 -6.17 -23.43
CA ARG A 368 9.24 -6.95 -22.33
C ARG A 368 8.17 -7.30 -21.31
N LEU A 369 8.05 -8.58 -20.99
CA LEU A 369 7.02 -9.03 -20.06
C LEU A 369 7.31 -8.53 -18.65
N ALA A 370 6.25 -8.48 -17.84
CA ALA A 370 6.37 -7.92 -16.50
C ALA A 370 7.10 -8.86 -15.55
N GLN A 371 7.01 -10.17 -15.78
CA GLN A 371 7.71 -11.12 -14.90
C GLN A 371 9.22 -11.05 -15.07
N HIS A 372 9.70 -10.51 -16.18
CA HIS A 372 11.13 -10.32 -16.40
C HIS A 372 11.63 -8.97 -15.89
N PHE A 373 10.75 -8.14 -15.34
CA PHE A 373 11.20 -6.90 -14.72
C PHE A 373 12.04 -7.23 -13.48
N PRO A 374 12.95 -6.34 -13.10
CA PRO A 374 13.73 -6.57 -11.88
C PRO A 374 12.86 -6.54 -10.64
N LYS A 375 13.16 -7.43 -9.70
CA LYS A 375 12.39 -7.53 -8.46
C LYS A 375 12.56 -6.25 -7.65
N THR A 376 11.43 -5.67 -7.22
CA THR A 376 11.43 -4.43 -6.48
C THR A 376 10.64 -4.59 -5.18
N THR A 377 11.08 -3.90 -4.15
CA THR A 377 10.42 -3.87 -2.86
C THR A 377 9.91 -2.46 -2.58
N GLU A 378 9.27 -2.29 -1.42
CA GLU A 378 8.83 -0.96 -1.01
C GLU A 378 10.00 -0.03 -0.72
N GLU A 379 11.17 -0.58 -0.42
CA GLU A 379 12.36 0.19 -0.11
C GLU A 379 13.35 0.27 -1.26
N ASN A 380 13.09 -0.42 -2.37
CA ASN A 380 13.93 -0.39 -3.55
C ASN A 380 13.05 -0.44 -4.79
N PRO A 381 12.34 0.66 -5.08
CA PRO A 381 11.40 0.64 -6.21
C PRO A 381 12.04 1.05 -7.52
N ILE A 382 11.21 1.43 -8.48
CA ILE A 382 11.65 1.98 -9.77
C ILE A 382 11.20 3.42 -9.82
N PHE A 383 12.15 4.35 -9.68
CA PHE A 383 11.81 5.77 -9.67
C PHE A 383 11.37 6.21 -11.06
N VAL A 384 10.26 6.94 -11.13
CA VAL A 384 9.77 7.48 -12.40
C VAL A 384 9.89 8.99 -12.36
N VAL A 385 10.50 9.56 -13.41
CA VAL A 385 10.62 10.99 -13.58
C VAL A 385 10.14 11.35 -14.97
N SER A 386 9.92 12.63 -15.20
CA SER A 386 9.42 13.11 -16.48
C SER A 386 10.03 14.46 -16.79
N ARG A 387 10.07 14.80 -18.08
CA ARG A 387 10.57 16.10 -18.50
C ARG A 387 9.56 17.22 -18.28
N GLU A 388 8.27 16.90 -18.25
CA GLU A 388 7.27 17.92 -17.98
C GLU A 388 7.29 18.29 -16.50
N PRO A 389 7.06 19.55 -16.16
CA PRO A 389 7.02 19.95 -14.74
C PRO A 389 5.80 19.36 -14.05
N LEU A 390 6.04 18.71 -12.91
CA LEU A 390 4.99 18.05 -12.15
C LEU A 390 4.81 18.74 -10.80
N ASN A 391 3.56 18.81 -10.34
CA ASN A 391 3.28 19.41 -9.05
C ASN A 391 3.75 18.50 -7.93
N THR A 392 4.33 19.10 -6.88
CA THR A 392 4.82 18.35 -5.73
C THR A 392 3.67 18.23 -4.73
N ILE A 393 3.12 17.03 -4.61
CA ILE A 393 1.94 16.79 -3.78
C ILE A 393 2.37 16.29 -2.41
N GLY A 394 3.04 15.15 -2.39
CA GLY A 394 3.39 14.49 -1.15
C GLY A 394 2.43 13.37 -0.80
N LEU A 395 2.41 13.03 0.49
CA LEU A 395 1.55 11.97 0.98
C LEU A 395 0.18 12.51 1.37
N ILE A 396 -0.86 11.76 1.02
CA ILE A 396 -2.24 12.11 1.34
C ILE A 396 -2.76 11.14 2.38
N TYR A 397 -3.17 11.66 3.53
CA TYR A 397 -3.70 10.82 4.60
C TYR A 397 -4.78 11.59 5.34
N GLU A 398 -5.61 10.83 6.07
CA GLU A 398 -6.68 11.42 6.85
C GLU A 398 -6.12 11.99 8.15
N LYS A 399 -6.40 13.26 8.40
CA LYS A 399 -5.89 13.96 9.58
C LYS A 399 -6.92 13.81 10.70
N ILE A 400 -6.68 12.86 11.59
CA ILE A 400 -7.57 12.57 12.71
C ILE A 400 -6.94 13.06 14.00
N SER A 401 -7.76 13.57 14.91
CA SER A 401 -7.30 14.10 16.18
C SER A 401 -7.60 13.12 17.30
N LEU A 402 -7.32 13.54 18.54
CA LEU A 402 -7.55 12.69 19.71
C LEU A 402 -8.98 12.83 20.18
N PRO A 403 -9.75 11.74 20.26
CA PRO A 403 -11.08 11.84 20.88
C PRO A 403 -10.96 12.10 22.36
N LYS A 404 -11.84 12.96 22.87
CA LYS A 404 -11.77 13.35 24.28
C LYS A 404 -12.06 12.15 25.18
N VAL A 405 -11.41 12.13 26.32
CA VAL A 405 -11.55 11.06 27.31
C VAL A 405 -12.70 11.40 28.24
N HIS A 406 -13.51 10.39 28.56
CA HIS A 406 -14.63 10.60 29.47
C HIS A 406 -14.24 10.23 30.90
N PRO A 407 -14.74 10.95 31.91
CA PRO A 407 -14.41 10.61 33.30
C PRO A 407 -15.27 9.51 33.89
N ARG A 408 -16.37 9.14 33.25
CA ARG A 408 -17.27 8.14 33.79
C ARG A 408 -16.60 6.78 33.81
N TYR A 409 -16.46 6.19 35.00
CA TYR A 409 -15.93 4.84 35.14
C TYR A 409 -16.92 3.85 34.54
N ASP A 410 -16.64 3.40 33.33
CA ASP A 410 -17.52 2.49 32.61
C ASP A 410 -16.66 1.42 31.96
N LEU A 411 -16.83 0.16 32.39
CA LEU A 411 -15.98 -0.91 31.90
C LEU A 411 -16.15 -1.14 30.40
N ASP A 412 -17.32 -0.83 29.85
CA ASP A 412 -17.56 -0.92 28.42
C ASP A 412 -17.13 0.34 27.69
N GLY A 413 -17.49 1.52 28.22
CA GLY A 413 -17.12 2.77 27.59
C GLY A 413 -15.62 2.98 27.54
N ASP A 414 -14.92 2.65 28.64
CA ASP A 414 -13.47 2.75 28.63
C ASP A 414 -12.84 1.76 27.65
N ALA A 415 -13.50 0.61 27.43
CA ALA A 415 -12.98 -0.36 26.48
C ALA A 415 -13.11 0.14 25.05
N SER A 416 -14.31 0.56 24.65
CA SER A 416 -14.49 1.09 23.30
C SER A 416 -13.64 2.34 23.08
N MET A 417 -13.58 3.23 24.07
CA MET A 417 -12.75 4.42 23.96
C MET A 417 -11.28 4.05 23.77
N ALA A 418 -10.77 3.14 24.60
CA ALA A 418 -9.38 2.73 24.49
C ALA A 418 -9.09 2.11 23.13
N LYS A 419 -10.03 1.30 22.61
CA LYS A 419 -9.86 0.73 21.28
C LYS A 419 -9.76 1.81 20.23
N ALA A 420 -10.67 2.78 20.25
CA ALA A 420 -10.67 3.84 19.25
C ALA A 420 -9.39 4.66 19.30
N ILE A 421 -9.01 5.12 20.50
CA ILE A 421 -7.85 6.01 20.61
C ILE A 421 -6.57 5.27 20.27
N THR A 422 -6.46 4.00 20.69
CA THR A 422 -5.26 3.23 20.36
C THR A 422 -5.19 2.97 18.86
N GLY A 423 -6.34 2.77 18.21
CA GLY A 423 -6.34 2.70 16.76
C GLY A 423 -5.88 3.98 16.11
N VAL A 424 -6.29 5.12 16.69
CA VAL A 424 -5.85 6.41 16.17
C VAL A 424 -4.33 6.54 16.25
N VAL A 425 -3.76 6.19 17.40
CA VAL A 425 -2.31 6.25 17.55
C VAL A 425 -1.62 5.27 16.61
N CYS A 426 -2.23 4.11 16.36
CA CYS A 426 -1.67 3.18 15.39
C CYS A 426 -1.64 3.80 13.99
N TYR A 427 -2.70 4.53 13.62
CA TYR A 427 -2.70 5.22 12.33
C TYR A 427 -1.63 6.29 12.29
N ALA A 428 -1.43 7.02 13.39
CA ALA A 428 -0.39 8.04 13.44
C ALA A 428 0.99 7.42 13.29
N CYS A 429 1.18 6.23 13.86
CA CYS A 429 2.46 5.54 13.71
C CYS A 429 2.67 5.07 12.28
N ARG A 430 1.63 4.51 11.66
CA ARG A 430 1.71 4.09 10.27
C ARG A 430 2.09 5.27 9.36
N ILE A 431 1.41 6.40 9.53
CA ILE A 431 1.70 7.57 8.70
C ILE A 431 3.09 8.11 9.00
N ALA A 432 3.53 8.01 10.25
CA ALA A 432 4.88 8.45 10.59
C ALA A 432 5.93 7.64 9.85
N SER A 433 5.86 6.31 9.96
CA SER A 433 6.81 5.46 9.24
C SER A 433 6.71 5.64 7.74
N THR A 434 5.51 5.90 7.22
CA THR A 434 5.35 6.12 5.79
C THR A 434 6.02 7.43 5.36
N LEU A 435 5.91 8.48 6.18
CA LEU A 435 6.59 9.73 5.87
C LEU A 435 8.10 9.57 5.91
N LEU A 436 8.62 8.88 6.92
CA LEU A 436 10.04 8.60 6.96
C LEU A 436 10.48 7.82 5.72
N LEU A 437 9.68 6.82 5.32
CA LEU A 437 10.01 6.05 4.12
C LEU A 437 10.03 6.94 2.88
N TYR A 438 9.07 7.85 2.76
CA TYR A 438 9.05 8.75 1.62
C TYR A 438 10.28 9.66 1.61
N GLN A 439 10.73 10.09 2.79
CA GLN A 439 11.91 10.95 2.86
C GLN A 439 13.17 10.18 2.46
N GLU A 440 13.31 8.93 2.92
CA GLU A 440 14.49 8.15 2.56
C GLU A 440 14.50 7.81 1.07
N LEU A 441 13.35 7.36 0.54
CA LEU A 441 13.23 7.12 -0.89
C LEU A 441 13.54 8.39 -1.68
N MET A 442 13.13 9.54 -1.16
CA MET A 442 13.45 10.81 -1.81
C MET A 442 14.96 11.03 -1.83
N ARG A 443 15.63 10.79 -0.72
CA ARG A 443 17.08 10.99 -0.66
C ARG A 443 17.80 10.08 -1.66
N LYS A 444 17.42 8.79 -1.70
CA LYS A 444 18.07 7.88 -2.64
C LYS A 444 17.78 8.28 -4.08
N GLY A 445 16.53 8.67 -4.37
CA GLY A 445 16.19 9.05 -5.73
C GLY A 445 16.90 10.29 -6.21
N ILE A 446 17.07 11.28 -5.33
CA ILE A 446 17.79 12.50 -5.70
C ILE A 446 19.28 12.19 -5.87
N ARG A 447 19.86 11.47 -4.90
CA ARG A 447 21.28 11.15 -4.97
C ARG A 447 21.61 10.30 -6.20
N TRP A 448 20.64 9.53 -6.69
CA TRP A 448 20.85 8.82 -7.94
C TRP A 448 20.65 9.74 -9.14
N LEU A 449 19.66 10.63 -9.07
CA LEU A 449 19.34 11.49 -10.20
C LEU A 449 20.50 12.42 -10.54
N ILE A 450 21.17 12.96 -9.52
CA ILE A 450 22.31 13.84 -9.79
C ILE A 450 23.41 13.09 -10.52
N GLU A 451 23.65 11.83 -10.14
CA GLU A 451 24.67 11.03 -10.82
C GLU A 451 24.26 10.71 -12.25
N LEU A 452 22.97 10.47 -12.49
CA LEU A 452 22.48 10.25 -13.85
C LEU A 452 22.73 11.47 -14.71
N ILE A 453 22.38 12.66 -14.18
CA ILE A 453 22.61 13.89 -14.93
C ILE A 453 24.10 14.08 -15.21
N LYS A 454 24.95 13.74 -14.23
CA LYS A 454 26.40 13.84 -14.47
C LYS A 454 26.86 12.86 -15.54
N ASP A 455 26.22 11.70 -15.64
CA ASP A 455 26.55 10.76 -16.71
C ASP A 455 26.18 11.34 -18.07
N ASP A 456 24.97 11.89 -18.20
CA ASP A 456 24.59 12.56 -19.44
C ASP A 456 25.58 13.68 -19.78
N TYR A 457 26.01 14.44 -18.77
CA TYR A 457 27.01 15.47 -18.98
C TYR A 457 28.31 14.87 -19.51
N ASN A 458 28.70 13.71 -19.00
CA ASN A 458 29.93 13.07 -19.47
C ASN A 458 29.82 12.63 -20.92
N GLU A 459 28.66 12.08 -21.31
CA GLU A 459 28.45 11.76 -22.72
C GLU A 459 28.53 13.01 -23.58
N THR A 460 27.93 14.11 -23.11
CA THR A 460 28.06 15.39 -23.81
C THR A 460 29.51 15.81 -23.95
N VAL A 461 30.34 15.48 -22.95
CA VAL A 461 31.78 15.76 -23.05
C VAL A 461 32.41 14.90 -24.14
N HIS A 462 32.00 13.63 -24.23
CA HIS A 462 32.50 12.77 -25.31
C HIS A 462 32.20 13.38 -26.68
N LYS A 463 30.93 13.69 -26.93
CA LYS A 463 30.57 14.28 -28.22
C LYS A 463 31.29 15.61 -28.44
N LYS A 464 31.49 16.38 -27.36
CA LYS A 464 32.20 17.65 -27.49
C LYS A 464 33.62 17.44 -27.97
N THR A 465 34.33 16.47 -27.38
CA THR A 465 35.68 16.17 -27.84
C THR A 465 35.66 15.71 -29.29
N GLU A 466 34.67 14.88 -29.65
CA GLU A 466 34.53 14.45 -31.04
C GLU A 466 34.37 15.64 -31.98
N VAL A 467 33.71 16.70 -31.53
CA VAL A 467 33.56 17.89 -32.38
C VAL A 467 34.82 18.74 -32.38
N VAL A 468 35.56 18.79 -31.26
CA VAL A 468 36.74 19.62 -31.18
C VAL A 468 37.87 19.06 -32.05
N ILE A 469 38.08 17.74 -31.99
CA ILE A 469 39.15 17.14 -32.79
C ILE A 469 38.92 17.38 -34.27
N THR A 470 37.68 17.16 -34.73
CA THR A 470 37.35 17.42 -36.13
C THR A 470 37.48 18.90 -36.46
N LEU A 471 37.05 19.77 -35.54
CA LEU A 471 37.14 21.21 -35.78
C LEU A 471 38.58 21.65 -36.01
N ASP A 472 39.50 21.17 -35.16
CA ASP A 472 40.90 21.53 -35.34
C ASP A 472 41.48 20.90 -36.61
N PHE A 473 41.30 19.58 -36.77
CA PHE A 473 41.85 18.87 -37.91
C PHE A 473 41.20 19.26 -39.23
N CYS A 474 40.18 20.12 -39.22
CA CYS A 474 39.60 20.66 -40.43
C CYS A 474 39.82 22.15 -40.61
N ILE A 475 40.03 22.89 -39.52
CA ILE A 475 40.32 24.31 -39.62
C ILE A 475 41.80 24.56 -39.86
N ARG A 476 42.67 23.63 -39.48
CA ARG A 476 44.10 23.76 -39.76
C ARG A 476 44.53 23.02 -41.01
N ASN A 477 43.85 21.94 -41.38
CA ASN A 477 44.14 21.26 -42.63
C ASN A 477 43.85 22.14 -43.85
N ILE A 478 42.93 23.10 -43.70
CA ILE A 478 42.70 24.06 -44.78
C ILE A 478 43.78 25.14 -44.79
N GLU A 479 44.16 25.63 -43.60
CA GLU A 479 45.28 26.56 -43.51
C GLU A 479 46.58 25.94 -44.01
N LYS A 480 46.66 24.61 -44.05
CA LYS A 480 47.79 23.96 -44.71
C LYS A 480 47.85 24.32 -46.19
N THR A 481 46.70 24.41 -46.84
CA THR A 481 46.63 24.75 -48.25
C THR A 481 46.59 26.25 -48.50
N VAL A 482 46.11 27.04 -47.53
CA VAL A 482 46.06 28.48 -47.70
C VAL A 482 47.47 29.06 -47.77
N LYS A 483 48.40 28.51 -47.01
CA LYS A 483 49.76 29.03 -46.95
C LYS A 483 50.60 28.55 -48.12
N VAL A 484 49.97 28.26 -49.25
CA VAL A 484 50.69 27.82 -50.45
C VAL A 484 50.66 28.92 -51.51
N GLU A 497 38.41 32.46 -56.05
CA GLU A 497 39.28 31.42 -55.49
C GLU A 497 39.56 31.71 -54.01
N LEU A 498 39.55 33.00 -53.65
CA LEU A 498 39.73 33.40 -52.26
C LEU A 498 38.43 33.39 -51.47
N GLY A 499 37.30 33.64 -52.14
CA GLY A 499 36.02 33.61 -51.45
C GLY A 499 35.65 32.21 -50.99
N GLU A 500 35.98 31.20 -51.79
CA GLU A 500 35.67 29.82 -51.45
C GLU A 500 36.37 29.38 -50.16
N ILE A 501 37.44 30.06 -49.76
CA ILE A 501 38.14 29.77 -48.51
C ILE A 501 37.80 30.79 -47.43
N SER A 502 37.68 32.06 -47.81
CA SER A 502 37.35 33.10 -46.84
C SER A 502 35.98 32.84 -46.21
N ASP A 503 35.00 32.44 -47.02
CA ASP A 503 33.70 32.06 -46.46
C ASP A 503 33.85 30.88 -45.50
N ILE A 504 34.71 29.92 -45.86
CA ILE A 504 34.92 28.75 -45.01
C ILE A 504 35.46 29.17 -43.65
N HIS A 505 36.43 30.08 -43.63
CA HIS A 505 36.98 30.50 -42.35
C HIS A 505 35.98 31.35 -41.57
N THR A 506 35.21 32.19 -42.27
CA THR A 506 34.18 32.97 -41.59
C THR A 506 33.04 32.11 -41.06
N LYS A 507 32.94 30.85 -41.49
CA LYS A 507 31.98 29.92 -40.90
C LYS A 507 32.60 29.04 -39.82
N LEU A 508 33.83 28.57 -40.03
CA LEU A 508 34.51 27.73 -39.05
C LEU A 508 34.81 28.50 -37.77
N LEU A 509 35.18 29.78 -37.89
CA LEU A 509 35.41 30.58 -36.70
C LEU A 509 34.12 30.80 -35.92
N ARG A 510 32.99 30.94 -36.62
CA ARG A 510 31.69 30.95 -35.94
C ARG A 510 31.44 29.63 -35.23
N LEU A 511 31.77 28.51 -35.87
CA LEU A 511 31.58 27.21 -35.24
C LEU A 511 32.41 27.08 -33.98
N SER A 512 33.67 27.53 -34.02
CA SER A 512 34.53 27.45 -32.84
C SER A 512 34.08 28.43 -31.75
N SER A 513 33.51 29.58 -32.14
CA SER A 513 33.01 30.52 -31.15
C SER A 513 31.81 29.95 -30.42
N SER A 514 30.78 29.53 -31.15
CA SER A 514 29.60 28.94 -30.53
C SER A 514 29.97 27.69 -29.75
N GLN A 515 30.90 26.89 -30.27
CA GLN A 515 31.37 25.72 -29.54
C GLN A 515 32.03 26.12 -28.22
N GLY A 516 32.79 27.21 -28.23
CA GLY A 516 33.35 27.70 -26.98
C GLY A 516 32.28 28.14 -26.00
N THR A 517 31.24 28.80 -26.50
CA THR A 517 30.12 29.15 -25.63
C THR A 517 29.48 27.90 -25.03
N ILE A 518 29.41 26.82 -25.81
CA ILE A 518 28.91 25.55 -25.29
C ILE A 518 29.84 25.02 -24.20
N GLU A 519 31.15 25.20 -24.39
CA GLU A 519 32.11 24.75 -23.37
C GLU A 519 31.91 25.50 -22.06
N THR A 520 31.77 26.83 -22.14
CA THR A 520 31.57 27.62 -20.93
C THR A 520 30.25 27.26 -20.25
N SER A 521 29.17 27.19 -21.04
CA SER A 521 27.88 26.82 -20.46
C SER A 521 27.85 25.38 -19.97
N LEU A 522 28.83 24.56 -20.37
CA LEU A 522 28.93 23.20 -19.83
C LEU A 522 29.69 23.19 -18.51
N GLN A 523 30.84 23.87 -18.47
CA GLN A 523 31.58 23.97 -17.21
C GLN A 523 30.80 24.72 -16.15
N ASP A 524 29.82 25.54 -16.54
CA ASP A 524 28.90 26.10 -15.57
C ASP A 524 28.02 25.03 -14.95
N ILE A 525 27.55 24.07 -15.77
CA ILE A 525 26.70 23.01 -15.25
C ILE A 525 27.51 22.05 -14.39
N ASP A 526 28.74 21.74 -14.80
CA ASP A 526 29.62 20.94 -13.94
C ASP A 526 29.87 21.65 -12.61
N SER A 527 29.91 22.99 -12.63
CA SER A 527 29.99 23.74 -11.40
C SER A 527 28.68 23.71 -10.61
N ARG A 528 27.56 23.45 -11.28
CA ARG A 528 26.29 23.29 -10.58
C ARG A 528 26.11 21.88 -10.04
N LEU A 529 26.74 20.89 -10.67
CA LEU A 529 26.67 19.51 -10.22
C LEU A 529 27.79 19.17 -9.24
N SER A 530 28.47 20.16 -8.70
CA SER A 530 29.50 20.01 -7.69
C SER A 530 28.92 20.23 -6.31
N PRO A 531 29.61 19.79 -5.26
CA PRO A 531 29.10 20.04 -3.90
C PRO A 531 28.91 21.52 -3.63
N GLY A 532 27.70 21.88 -3.21
CA GLY A 532 27.39 23.26 -2.90
C GLY A 532 27.18 24.15 -4.11
N GLY A 533 26.92 23.58 -5.27
CA GLY A 533 26.77 24.37 -6.48
C GLY A 533 25.32 24.69 -6.81
N SER A 534 24.57 25.18 -5.83
CA SER A 534 23.16 25.53 -6.00
C SER A 534 22.35 24.38 -6.55
N LEU A 535 22.86 23.15 -6.41
CA LEU A 535 22.12 21.97 -6.85
C LEU A 535 22.55 20.71 -6.10
N ALA A 536 23.26 20.82 -4.99
CA ALA A 536 23.70 19.66 -4.23
C ALA A 536 22.55 19.07 -3.41
N ASP A 537 22.62 17.75 -3.21
CA ASP A 537 21.67 17.02 -2.38
C ASP A 537 22.02 17.07 -0.89
N ALA A 538 22.72 18.11 -0.44
CA ALA A 538 23.13 18.17 0.96
C ALA A 538 22.00 18.57 1.89
N TRP A 539 21.05 19.38 1.42
CA TRP A 539 19.95 19.81 2.28
C TRP A 539 19.01 18.65 2.60
N ALA A 540 18.89 17.68 1.69
CA ALA A 540 17.99 16.55 1.93
C ALA A 540 18.42 15.75 3.14
N HIS A 541 19.72 15.65 3.40
CA HIS A 541 20.23 15.00 4.59
C HIS A 541 20.12 15.88 5.83
N GLN A 542 19.76 17.16 5.67
CA GLN A 542 19.77 18.11 6.78
C GLN A 542 18.45 18.85 6.90
N GLU A 543 17.33 18.20 6.54
CA GLU A 543 16.05 18.88 6.62
C GLU A 543 15.00 18.04 7.34
N GLY A 544 14.49 17.00 6.66
CA GLY A 544 13.44 16.18 7.23
C GLY A 544 13.91 15.25 8.35
N THR A 545 13.13 14.23 8.64
CA THR A 545 13.49 13.26 9.66
C THR A 545 14.39 12.17 9.09
N HIS A 546 15.04 11.43 9.97
CA HIS A 546 15.96 10.37 9.61
C HIS A 546 15.72 9.18 10.54
N PRO A 547 16.14 7.98 10.13
CA PRO A 547 16.12 6.84 11.07
C PRO A 547 17.01 7.04 12.28
N LYS A 548 17.89 8.05 12.27
CA LYS A 548 18.70 8.34 13.45
C LYS A 548 17.88 8.96 14.56
N ASP A 549 16.85 9.75 14.21
CA ASP A 549 15.98 10.31 15.22
C ASP A 549 15.15 9.24 15.91
N ARG A 550 14.89 8.13 15.21
CA ARG A 550 14.13 7.00 15.76
C ARG A 550 12.74 7.43 16.21
N ASN A 551 12.06 8.21 15.35
CA ASN A 551 10.75 8.72 15.72
C ASN A 551 9.68 7.64 15.64
N VAL A 552 9.79 6.73 14.68
CA VAL A 552 8.81 5.66 14.54
C VAL A 552 8.78 4.80 15.80
N GLU A 553 9.95 4.41 16.28
CA GLU A 553 10.03 3.60 17.49
C GLU A 553 9.70 4.43 18.73
N LYS A 554 10.04 5.72 18.72
CA LYS A 554 9.64 6.61 19.81
C LYS A 554 8.12 6.64 19.96
N LEU A 555 7.40 6.60 18.84
CA LEU A 555 5.94 6.49 18.90
C LEU A 555 5.51 5.07 19.24
N GLN A 556 6.28 4.06 18.84
CA GLN A 556 5.89 2.68 19.08
C GLN A 556 6.04 2.26 20.53
N VAL A 557 6.87 2.97 21.31
CA VAL A 557 6.94 2.71 22.74
C VAL A 557 5.61 3.07 23.40
N LEU A 558 5.19 4.33 23.22
CA LEU A 558 3.89 4.75 23.72
C LEU A 558 2.76 3.92 23.11
N LEU A 559 2.97 3.40 21.88
CA LEU A 559 1.97 2.53 21.29
C LEU A 559 1.88 1.20 22.04
N ASN A 560 3.01 0.66 22.47
CA ASN A 560 2.98 -0.57 23.26
C ASN A 560 2.37 -0.32 24.64
N CYS A 561 2.65 0.84 25.24
CA CYS A 561 2.02 1.17 26.51
C CYS A 561 0.51 1.25 26.37
N MET A 562 0.04 2.04 25.40
CA MET A 562 -1.40 2.18 25.20
C MET A 562 -2.05 0.88 24.77
N THR A 563 -1.31 0.00 24.10
CA THR A 563 -1.86 -1.29 23.71
C THR A 563 -1.99 -2.21 24.92
N GLU A 564 -1.01 -2.19 25.82
CA GLU A 564 -1.12 -2.97 27.04
C GLU A 564 -2.27 -2.48 27.92
N ILE A 565 -2.43 -1.15 28.02
CA ILE A 565 -3.56 -0.61 28.77
C ILE A 565 -4.88 -1.00 28.12
N TYR A 566 -4.93 -0.96 26.78
CA TYR A 566 -6.16 -1.34 26.08
C TYR A 566 -6.50 -2.80 26.32
N TYR A 567 -5.50 -3.69 26.24
CA TYR A 567 -5.77 -5.10 26.49
C TYR A 567 -6.21 -5.33 27.92
N GLN A 568 -5.60 -4.62 28.87
CA GLN A 568 -6.02 -4.76 30.26
C GLN A 568 -7.46 -4.29 30.47
N PHE A 569 -7.87 -3.24 29.74
CA PHE A 569 -9.27 -2.83 29.80
C PHE A 569 -10.17 -3.85 29.10
N LYS A 570 -9.65 -4.53 28.09
CA LYS A 570 -10.40 -5.61 27.44
C LYS A 570 -10.61 -6.77 28.39
N LYS A 571 -9.67 -6.99 29.31
CA LYS A 571 -9.85 -8.00 30.35
C LYS A 571 -10.72 -7.48 31.49
N ASP A 572 -10.72 -6.17 31.73
CA ASP A 572 -11.57 -5.59 32.78
C ASP A 572 -13.02 -5.45 32.36
N LYS A 573 -13.30 -5.45 31.05
CA LYS A 573 -14.69 -5.41 30.60
C LYS A 573 -15.37 -6.76 30.73
N ALA A 574 -14.64 -7.84 30.52
CA ALA A 574 -15.21 -9.18 30.69
C ALA A 574 -15.70 -9.37 32.12
N GLU A 575 -14.90 -8.98 33.10
CA GLU A 575 -15.35 -8.97 34.48
C GLU A 575 -16.42 -7.90 34.66
N ARG A 576 -17.55 -8.28 35.24
CA ARG A 576 -18.66 -7.35 35.37
C ARG A 576 -18.34 -6.22 36.34
N ARG A 577 -17.49 -6.48 37.33
CA ARG A 577 -17.07 -5.45 38.27
C ARG A 577 -15.69 -5.79 38.80
N LEU A 578 -14.99 -4.78 39.27
CA LEU A 578 -13.66 -4.91 39.83
C LEU A 578 -13.67 -4.56 41.31
N ALA A 579 -12.68 -5.08 42.03
CA ALA A 579 -12.51 -4.70 43.42
C ALA A 579 -12.02 -3.26 43.51
N TYR A 580 -11.95 -2.75 44.74
CA TYR A 580 -11.55 -1.37 44.95
C TYR A 580 -10.15 -1.10 44.40
N ASN A 581 -9.19 -1.96 44.76
CA ASN A 581 -7.82 -1.78 44.29
C ASN A 581 -7.74 -1.83 42.77
N GLU A 582 -8.30 -2.89 42.17
CA GLU A 582 -8.28 -3.01 40.71
C GLU A 582 -9.04 -1.86 40.05
N GLU A 583 -10.05 -1.31 40.72
CA GLU A 583 -10.75 -0.15 40.20
C GLU A 583 -9.82 1.06 40.13
N GLN A 584 -9.08 1.31 41.22
CA GLN A 584 -8.19 2.46 41.22
C GLN A 584 -7.05 2.28 40.21
N ILE A 585 -6.56 1.05 40.03
CA ILE A 585 -5.58 0.80 39.00
C ILE A 585 -6.18 1.09 37.62
N HIS A 586 -7.43 0.66 37.41
CA HIS A 586 -8.11 0.91 36.14
C HIS A 586 -8.21 2.41 35.85
N LYS A 587 -8.55 3.21 36.86
CA LYS A 587 -8.67 4.65 36.64
C LYS A 587 -7.30 5.30 36.42
N PHE A 588 -6.31 4.93 37.23
CA PHE A 588 -4.97 5.49 37.07
C PHE A 588 -4.42 5.24 35.67
N ASP A 589 -4.45 3.97 35.23
CA ASP A 589 -3.99 3.67 33.87
C ASP A 589 -4.91 4.29 32.82
N LYS A 590 -6.17 4.54 33.17
CA LYS A 590 -7.05 5.27 32.25
C LYS A 590 -6.56 6.70 32.03
N GLN A 591 -5.99 7.33 33.06
CA GLN A 591 -5.40 8.65 32.87
C GLN A 591 -4.05 8.58 32.16
N LYS A 592 -3.23 7.60 32.53
CA LYS A 592 -1.94 7.42 31.85
C LYS A 592 -2.13 7.16 30.36
N LEU A 593 -3.27 6.60 29.97
CA LEU A 593 -3.59 6.44 28.55
C LEU A 593 -3.67 7.81 27.87
N TYR A 594 -4.39 8.75 28.48
CA TYR A 594 -4.50 10.09 27.91
C TYR A 594 -3.15 10.78 27.87
N TYR A 595 -2.33 10.62 28.92
CA TYR A 595 -1.01 11.24 28.89
C TYR A 595 -0.15 10.66 27.78
N HIS A 596 -0.18 9.33 27.60
CA HIS A 596 0.58 8.71 26.53
C HIS A 596 0.14 9.21 25.16
N ALA A 597 -1.19 9.27 24.94
CA ALA A 597 -1.68 9.71 23.64
C ALA A 597 -1.34 11.18 23.38
N THR A 598 -1.46 12.03 24.41
CA THR A 598 -1.13 13.44 24.24
C THR A 598 0.34 13.63 23.91
N LYS A 599 1.22 12.95 24.65
CA LYS A 599 2.65 13.04 24.37
C LYS A 599 2.96 12.52 22.97
N ALA A 600 2.28 11.45 22.54
CA ALA A 600 2.53 10.87 21.23
C ALA A 600 2.14 11.84 20.12
N MET A 601 0.94 12.42 20.21
CA MET A 601 0.51 13.37 19.19
C MET A 601 1.38 14.62 19.20
N THR A 602 1.81 15.06 20.39
CA THR A 602 2.73 16.20 20.47
C THR A 602 4.03 15.90 19.73
N HIS A 603 4.61 14.72 19.97
CA HIS A 603 5.84 14.36 19.27
C HIS A 603 5.59 14.10 17.78
N PHE A 604 4.36 13.81 17.38
CA PHE A 604 4.08 13.52 15.97
C PHE A 604 3.93 14.80 15.16
N THR A 605 3.05 15.70 15.60
CA THR A 605 2.77 16.89 14.80
C THR A 605 3.87 17.94 14.92
N ASP A 606 4.57 18.00 16.05
CA ASP A 606 5.58 19.03 16.30
C ASP A 606 6.99 18.54 15.99
N GLU A 607 7.14 17.41 15.31
CA GLU A 607 8.47 16.92 14.96
C GLU A 607 8.47 16.21 13.62
N CYS A 608 7.60 15.20 13.47
CA CYS A 608 7.53 14.45 12.21
C CYS A 608 6.88 15.29 11.12
N VAL A 609 5.74 15.91 11.43
CA VAL A 609 4.97 16.61 10.40
C VAL A 609 5.70 17.86 9.95
N LYS A 610 6.25 18.63 10.90
CA LYS A 610 6.93 19.87 10.55
C LYS A 610 8.17 19.60 9.69
N LYS A 611 9.01 18.65 10.13
CA LYS A 611 10.18 18.29 9.33
C LYS A 611 9.77 17.76 7.96
N TYR A 612 8.69 16.97 7.90
CA TYR A 612 8.24 16.44 6.62
C TYR A 612 7.80 17.56 5.68
N GLU A 613 7.13 18.58 6.22
CA GLU A 613 6.64 19.66 5.37
C GLU A 613 7.79 20.57 4.92
N ALA A 614 8.77 20.79 5.79
CA ALA A 614 9.96 21.54 5.38
C ALA A 614 10.70 20.81 4.27
N PHE A 615 10.95 19.51 4.47
CA PHE A 615 11.60 18.71 3.43
C PHE A 615 10.79 18.70 2.14
N LEU A 616 9.45 18.71 2.27
CA LEU A 616 8.60 18.66 1.09
C LEU A 616 8.67 19.96 0.29
N ASN A 617 8.62 21.11 0.98
CA ASN A 617 8.72 22.39 0.30
C ASN A 617 10.09 22.56 -0.35
N LYS A 618 11.15 22.28 0.42
CA LYS A 618 12.50 22.30 -0.14
C LYS A 618 12.60 21.42 -1.39
N SER A 619 11.99 20.23 -1.34
CA SER A 619 11.95 19.37 -2.51
C SER A 619 11.21 20.03 -3.66
N GLU A 620 10.13 20.77 -3.35
CA GLU A 620 9.37 21.42 -4.40
C GLU A 620 10.20 22.48 -5.11
N GLU A 621 11.09 23.17 -4.40
CA GLU A 621 11.96 24.12 -5.07
C GLU A 621 13.08 23.42 -5.85
N TRP A 622 13.73 22.44 -5.21
CA TRP A 622 14.82 21.73 -5.87
C TRP A 622 14.35 21.02 -7.14
N ILE A 623 13.06 20.64 -7.20
CA ILE A 623 12.53 20.03 -8.41
C ILE A 623 12.52 21.04 -9.55
N ARG A 624 12.06 22.27 -9.28
CA ARG A 624 12.11 23.32 -10.29
C ARG A 624 13.53 23.54 -10.78
N LYS A 625 14.47 23.69 -9.85
CA LYS A 625 15.86 23.90 -10.23
C LYS A 625 16.38 22.76 -11.12
N MET A 626 16.09 21.52 -10.72
CA MET A 626 16.58 20.36 -11.46
C MET A 626 15.97 20.29 -12.86
N LEU A 627 14.67 20.54 -12.98
CA LEU A 627 14.05 20.56 -14.30
C LEU A 627 14.69 21.63 -15.19
N HIS A 628 14.93 22.82 -14.63
CA HIS A 628 15.62 23.87 -15.39
C HIS A 628 16.97 23.39 -15.90
N LEU A 629 17.77 22.78 -15.02
CA LEU A 629 19.09 22.32 -15.45
C LEU A 629 18.98 21.22 -16.50
N ARG A 630 17.99 20.33 -16.38
CA ARG A 630 17.82 19.28 -17.38
C ARG A 630 17.49 19.87 -18.74
N LYS A 631 16.58 20.85 -18.79
CA LYS A 631 16.27 21.50 -20.06
C LYS A 631 17.51 22.18 -20.64
N GLN A 632 18.30 22.84 -19.80
CA GLN A 632 19.52 23.48 -20.28
C GLN A 632 20.47 22.47 -20.90
N LEU A 633 20.78 21.39 -20.16
CA LEU A 633 21.72 20.39 -20.67
C LEU A 633 21.21 19.75 -21.94
N LEU A 634 19.91 19.49 -22.02
CA LEU A 634 19.33 18.95 -23.25
C LEU A 634 19.55 19.90 -24.41
N SER A 635 19.28 21.20 -24.21
CA SER A 635 19.49 22.17 -25.28
C SER A 635 20.96 22.24 -25.69
N LEU A 636 21.87 22.11 -24.73
CA LEU A 636 23.29 22.17 -25.06
C LEU A 636 23.74 20.96 -25.87
N THR A 637 23.31 19.76 -25.48
CA THR A 637 23.67 18.57 -26.25
C THR A 637 23.03 18.60 -27.63
N ASN A 638 21.80 19.09 -27.74
CA ASN A 638 21.19 19.27 -29.05
C ASN A 638 21.99 20.26 -29.89
N GLN A 639 22.53 21.31 -29.26
CA GLN A 639 23.43 22.21 -29.95
C GLN A 639 24.80 21.61 -30.18
N CYS A 640 25.07 20.43 -29.63
CA CYS A 640 26.29 19.69 -29.96
C CYS A 640 26.08 18.67 -31.06
N PHE A 641 24.84 18.25 -31.31
CA PHE A 641 24.55 17.30 -32.38
C PHE A 641 24.35 17.97 -33.73
N ASP A 642 23.58 19.07 -33.77
CA ASP A 642 23.31 19.73 -35.04
C ASP A 642 24.56 20.39 -35.62
N ILE A 643 25.51 20.78 -34.77
CA ILE A 643 26.79 21.28 -35.28
C ILE A 643 27.79 20.16 -35.54
N GLU A 644 27.58 18.98 -34.93
CA GLU A 644 28.38 17.83 -35.29
C GLU A 644 28.14 17.42 -36.75
N GLU A 645 26.93 17.66 -37.25
CA GLU A 645 26.63 17.43 -38.65
C GLU A 645 26.87 18.65 -39.52
N GLU A 646 26.95 19.85 -38.92
CA GLU A 646 27.30 21.04 -39.69
C GLU A 646 28.77 21.04 -40.06
N VAL A 647 29.64 20.47 -39.21
CA VAL A 647 31.03 20.30 -39.59
C VAL A 647 31.22 19.14 -40.56
N SER A 648 30.23 18.25 -40.66
CA SER A 648 30.27 17.19 -41.67
C SER A 648 29.95 17.72 -43.06
N LYS A 649 29.25 18.84 -43.16
CA LYS A 649 28.99 19.45 -44.46
C LYS A 649 30.22 20.16 -45.02
N TYR A 650 31.21 20.43 -44.17
CA TYR A 650 32.42 21.13 -44.60
C TYR A 650 33.68 20.26 -44.56
N GLN A 651 33.65 19.12 -43.87
CA GLN A 651 34.82 18.26 -43.83
C GLN A 651 35.03 17.54 -45.16
N GLU A 652 33.96 17.34 -45.94
CA GLU A 652 34.05 16.70 -47.24
C GLU A 652 33.87 17.67 -48.40
N TYR A 653 33.55 18.93 -48.13
CA TYR A 653 33.21 19.89 -49.17
C TYR A 653 34.45 20.34 -49.94
N THR A 654 35.27 21.20 -49.33
CA THR A 654 36.42 21.76 -50.00
C THR A 654 37.70 20.99 -49.74
N ASN A 655 37.79 20.31 -48.58
CA ASN A 655 38.96 19.48 -48.31
C ASN A 655 39.19 18.42 -49.37
N GLU A 656 38.17 18.11 -50.17
CA GLU A 656 38.25 17.11 -51.24
C GLU A 656 37.76 17.74 -52.53
N LEU A 657 38.65 18.43 -53.23
CA LEU A 657 38.32 18.99 -54.53
C LEU A 657 38.30 17.89 -55.59
N GLN A 658 38.11 18.27 -56.85
CA GLN A 658 38.01 17.31 -57.94
C GLN A 658 39.04 17.67 -59.01
N GLU A 659 39.91 16.72 -59.34
CA GLU A 659 40.92 16.89 -60.37
C GLU A 659 41.53 15.54 -60.69
N THR A 660 41.83 15.32 -61.96
CA THR A 660 42.46 14.08 -62.40
C THR A 660 43.96 14.10 -62.15
C01 E0S B . -7.66 -15.40 22.06
C02 E0S B . -9.03 -15.80 21.49
C03 E0S B . -10.10 -15.59 22.58
C04 E0S B . -9.02 -17.21 20.83
C05 E0S B . -7.88 -18.03 20.80
C06 E0S B . -7.85 -19.31 20.20
C07 E0S B . -9.03 -19.82 19.60
C09 E0S B . -10.08 -21.50 18.21
C11 E0S B . -10.94 -23.10 16.66
C13 E0S B . -12.21 -22.43 16.55
C14 E0S B . -12.31 -21.27 17.35
C15 E0S B . -11.29 -20.79 18.16
C16 E0S B . -11.37 -19.58 18.99
C18 E0S B . -10.16 -19.03 19.62
C19 E0S B . -10.16 -17.75 20.22
C20 E0S B . -13.33 -22.92 15.68
C23 E0S B . -15.29 -21.33 16.40
N10 E0S B . -9.88 -22.66 17.48
N12 E0S B . -10.70 -24.27 15.94
N22 E0S B . -14.71 -22.39 15.63
N24 E0S B . -15.36 -21.12 17.76
N25 E0S B . -16.03 -19.94 17.95
N26 E0S B . -16.39 -19.38 16.83
N27 E0S B . -15.95 -20.22 15.81
O08 E0S B . -8.99 -21.11 19.01
O17 E0S B . -12.49 -19.00 19.15
O21 E0S B . -13.15 -23.86 14.87
#